data_6WH8
#
_entry.id   6WH8
#
_cell.length_a   106.867
_cell.length_b   106.867
_cell.length_c   205.431
_cell.angle_alpha   90.00
_cell.angle_beta   90.00
_cell.angle_gamma   120.00
#
_symmetry.space_group_name_H-M   'P 65 2 2'
#
loop_
_entity.id
_entity.type
_entity.pdbx_description
1 polymer 'N-terminal Xaa-Pro-Lys N-methyltransferase 1'
2 polymer '4HP-PRO-LYS-ARG-NH2, BM-30'
3 non-polymer S-ADENOSYL-L-HOMOCYSTEINE
4 water water
#
loop_
_entity_poly.entity_id
_entity_poly.type
_entity_poly.pdbx_seq_one_letter_code
_entity_poly.pdbx_strand_id
1 'polypeptide(L)'
;MGSSHHHHHHSSGLVPRGSTSEVIEDEKQFYSKAKTYWKQIPPTVDGMLGGYGHISSIDINSSRKFLQRFLREGPNKTGT
SCALDCGAGIGRITKRLLLPLFREVDMVDITEDFLVQAKTYLGEEGKRVRNYFCCGLQDFTPEPDSYDVIWIQWVIGHLT
DQHLAEFLRRCKGSLRPNGIIVIKDNMAQEGVILDDVDSSVCRDLDVVRRIICSAGLSLLAEERQENLPDEIYHVYSFAL
R
;
B,A
2 'polypeptide(L)' (4HP)PKR(NH2) C,D
#
# COMPACT_ATOMS: atom_id res chain seq x y z
N VAL A 15 23.49 29.56 -10.51
CA VAL A 15 22.55 29.00 -11.55
C VAL A 15 22.13 27.59 -11.14
N PRO A 16 21.25 26.96 -11.93
CA PRO A 16 20.96 25.55 -11.70
C PRO A 16 22.04 24.67 -12.33
N ARG A 17 22.39 23.61 -11.62
CA ARG A 17 23.41 22.68 -12.11
C ARG A 17 22.79 21.76 -13.15
N GLY A 18 23.58 21.40 -14.15
CA GLY A 18 23.07 20.65 -15.29
C GLY A 18 23.58 19.23 -15.44
N SER A 19 24.54 18.83 -14.63
CA SER A 19 25.11 17.50 -14.72
C SER A 19 25.68 17.09 -13.37
N THR A 20 25.81 15.76 -13.17
CA THR A 20 26.38 15.28 -11.93
C THR A 20 27.83 15.68 -11.76
N SER A 21 28.56 15.95 -12.84
CA SER A 21 29.95 16.39 -12.71
CA SER A 21 29.94 16.40 -12.73
C SER A 21 30.07 17.75 -12.03
N GLU A 22 28.97 18.45 -11.83
CA GLU A 22 28.94 19.68 -11.06
C GLU A 22 28.63 19.48 -9.58
N VAL A 23 28.12 18.31 -9.18
CA VAL A 23 27.67 18.13 -7.81
C VAL A 23 28.39 17.01 -7.08
N ILE A 24 29.09 16.11 -7.76
CA ILE A 24 29.74 14.96 -7.12
C ILE A 24 31.22 15.27 -6.96
N GLU A 25 31.66 15.33 -5.70
CA GLU A 25 33.04 15.72 -5.43
C GLU A 25 34.00 14.56 -5.71
N ASP A 26 33.57 13.33 -5.42
CA ASP A 26 34.46 12.17 -5.46
C ASP A 26 33.59 10.97 -5.82
N GLU A 27 33.76 10.45 -7.03
CA GLU A 27 32.87 9.41 -7.53
C GLU A 27 32.97 8.15 -6.69
N LYS A 28 34.19 7.74 -6.36
CA LYS A 28 34.36 6.54 -5.55
C LYS A 28 33.59 6.65 -4.25
N GLN A 29 33.65 7.82 -3.61
CA GLN A 29 32.96 8.02 -2.34
C GLN A 29 31.45 8.14 -2.52
N PHE A 30 31.00 8.71 -3.65
CA PHE A 30 29.58 8.76 -3.96
C PHE A 30 28.98 7.37 -3.97
N TYR A 31 29.67 6.41 -4.58
CA TYR A 31 29.19 5.03 -4.61
C TYR A 31 29.39 4.32 -3.27
N SER A 32 30.55 4.47 -2.63
CA SER A 32 30.80 3.77 -1.37
C SER A 32 29.84 4.25 -0.27
N LYS A 33 29.56 5.54 -0.23
CA LYS A 33 28.63 6.05 0.77
C LYS A 33 27.22 5.48 0.58
N ALA A 34 26.77 5.37 -0.68
CA ALA A 34 25.46 4.81 -0.96
C ALA A 34 25.39 3.34 -0.56
N LYS A 35 26.44 2.58 -0.85
CA LYS A 35 26.46 1.17 -0.49
C LYS A 35 26.38 1.01 1.03
N THR A 36 27.13 1.82 1.77
CA THR A 36 27.09 1.78 3.22
C THR A 36 25.72 2.17 3.74
N TYR A 37 25.10 3.19 3.14
CA TYR A 37 23.78 3.63 3.57
C TYR A 37 22.75 2.51 3.47
N TRP A 38 22.66 1.88 2.30
CA TRP A 38 21.63 0.87 2.10
C TRP A 38 21.90 -0.39 2.92
N LYS A 39 23.15 -0.64 3.31
CA LYS A 39 23.46 -1.80 4.12
C LYS A 39 22.83 -1.72 5.51
N GLN A 40 22.49 -0.52 5.98
CA GLN A 40 21.88 -0.37 7.31
C GLN A 40 20.40 -0.01 7.25
N ILE A 41 19.75 -0.18 6.09
CA ILE A 41 18.31 0.03 5.96
C ILE A 41 17.61 -1.30 6.19
N PRO A 42 16.52 -1.35 6.95
CA PRO A 42 15.82 -2.63 7.17
C PRO A 42 15.28 -3.19 5.87
N PRO A 43 15.34 -4.52 5.69
CA PRO A 43 14.85 -5.14 4.43
C PRO A 43 13.32 -5.29 4.43
N THR A 44 12.65 -4.15 4.40
CA THR A 44 11.19 -4.08 4.46
C THR A 44 10.71 -3.11 3.40
N VAL A 45 9.40 -3.16 3.12
CA VAL A 45 8.83 -2.23 2.15
C VAL A 45 9.01 -0.79 2.63
N ASP A 46 8.90 -0.56 3.93
CA ASP A 46 9.12 0.79 4.43
C ASP A 46 10.58 1.23 4.24
N GLY A 47 11.52 0.30 4.41
CA GLY A 47 12.90 0.60 4.07
C GLY A 47 13.09 0.91 2.60
N MET A 48 12.45 0.12 1.73
CA MET A 48 12.54 0.36 0.30
C MET A 48 12.05 1.76 -0.07
N LEU A 49 11.02 2.24 0.62
CA LEU A 49 10.33 3.45 0.22
C LEU A 49 10.57 4.60 1.19
N GLY A 50 11.69 4.56 1.92
CA GLY A 50 12.11 5.72 2.68
C GLY A 50 11.11 6.23 3.71
N GLY A 51 10.41 5.33 4.36
CA GLY A 51 9.37 5.69 5.30
C GLY A 51 8.00 5.91 4.72
N TYR A 52 7.84 5.73 3.41
CA TYR A 52 6.57 5.91 2.71
C TYR A 52 6.01 4.58 2.22
N GLY A 53 6.23 3.51 3.00
CA GLY A 53 5.76 2.21 2.59
C GLY A 53 4.28 2.16 2.26
N HIS A 54 3.49 3.04 2.89
CA HIS A 54 2.05 3.01 2.72
C HIS A 54 1.61 3.42 1.32
N ILE A 55 2.48 4.06 0.52
CA ILE A 55 2.10 4.46 -0.83
C ILE A 55 2.35 3.37 -1.87
N SER A 56 2.79 2.19 -1.44
CA SER A 56 3.19 1.17 -2.39
C SER A 56 2.05 0.81 -3.33
N SER A 57 0.82 0.67 -2.81
CA SER A 57 -0.26 0.18 -3.66
C SER A 57 -0.67 1.24 -4.68
N ILE A 58 -0.66 2.51 -4.30
CA ILE A 58 -0.87 3.60 -5.25
C ILE A 58 0.14 3.50 -6.38
N ASP A 59 1.40 3.25 -6.03
CA ASP A 59 2.47 3.18 -7.01
C ASP A 59 2.28 1.99 -7.93
N ILE A 60 1.98 0.82 -7.37
CA ILE A 60 1.86 -0.40 -8.17
C ILE A 60 0.67 -0.29 -9.14
N ASN A 61 -0.48 0.23 -8.66
CA ASN A 61 -1.63 0.36 -9.54
C ASN A 61 -1.32 1.27 -10.74
N SER A 62 -0.63 2.39 -10.49
CA SER A 62 -0.30 3.29 -11.58
C SER A 62 0.69 2.65 -12.55
N SER A 63 1.70 1.94 -12.00
CA SER A 63 2.68 1.27 -12.85
C SER A 63 2.03 0.20 -13.73
N ARG A 64 1.09 -0.56 -13.18
CA ARG A 64 0.40 -1.58 -13.95
C ARG A 64 -0.40 -0.96 -15.10
N LYS A 65 -1.15 0.10 -14.82
CA LYS A 65 -1.90 0.78 -15.88
C LYS A 65 -0.96 1.31 -16.95
N PHE A 66 0.15 1.90 -16.54
CA PHE A 66 1.16 2.40 -17.47
C PHE A 66 1.70 1.28 -18.36
N LEU A 67 2.03 0.14 -17.75
CA LEU A 67 2.69 -0.95 -18.45
C LEU A 67 1.72 -1.71 -19.37
N GLN A 68 0.48 -1.91 -18.92
CA GLN A 68 -0.42 -2.78 -19.67
C GLN A 68 -0.73 -2.22 -21.05
N ARG A 69 -0.62 -0.91 -21.24
CA ARG A 69 -0.77 -0.31 -22.55
C ARG A 69 0.16 -0.95 -23.57
N PHE A 70 1.37 -1.29 -23.15
CA PHE A 70 2.37 -1.85 -24.07
C PHE A 70 2.25 -3.35 -24.26
N LEU A 71 1.47 -4.02 -23.43
CA LEU A 71 1.25 -5.45 -23.55
C LEU A 71 0.05 -5.78 -24.42
N ARG A 72 -0.65 -4.77 -24.94
CA ARG A 72 -1.78 -5.01 -25.84
C ARG A 72 -1.33 -5.70 -27.12
N GLU A 73 -2.25 -6.48 -27.71
CA GLU A 73 -1.98 -7.12 -28.98
C GLU A 73 -1.81 -6.05 -30.06
N GLY A 74 -0.89 -6.29 -30.98
CA GLY A 74 -0.59 -5.34 -32.02
C GLY A 74 0.79 -5.54 -32.58
N PRO A 75 1.18 -4.71 -33.56
CA PRO A 75 2.48 -4.92 -34.22
C PRO A 75 3.65 -4.74 -33.29
N ASN A 76 3.48 -3.94 -32.23
CA ASN A 76 4.60 -3.62 -31.33
C ASN A 76 4.43 -4.22 -29.94
N LYS A 77 3.55 -5.21 -29.81
CA LYS A 77 3.24 -5.77 -28.49
C LYS A 77 4.51 -6.25 -27.78
N THR A 78 4.70 -5.75 -26.56
CA THR A 78 5.77 -6.22 -25.71
C THR A 78 5.46 -7.62 -25.18
N GLY A 79 6.45 -8.49 -25.19
CA GLY A 79 6.27 -9.85 -24.74
C GLY A 79 6.16 -9.97 -23.24
N THR A 80 5.87 -11.19 -22.79
CA THR A 80 5.65 -11.44 -21.38
C THR A 80 6.49 -12.63 -20.90
N SER A 81 7.61 -12.89 -21.57
CA SER A 81 8.46 -14.02 -21.17
C SER A 81 9.39 -13.67 -20.01
N CYS A 82 10.01 -12.49 -20.01
CA CYS A 82 11.00 -12.22 -18.97
C CYS A 82 11.15 -10.72 -18.74
N ALA A 83 11.21 -10.34 -17.47
CA ALA A 83 11.46 -8.97 -17.05
C ALA A 83 12.69 -8.91 -16.17
N LEU A 84 13.30 -7.71 -16.12
CA LEU A 84 14.43 -7.41 -15.28
C LEU A 84 14.05 -6.27 -14.35
N ASP A 85 14.22 -6.47 -13.05
CA ASP A 85 13.91 -5.46 -12.03
C ASP A 85 15.23 -4.90 -11.51
N CYS A 86 15.50 -3.62 -11.79
CA CYS A 86 16.79 -3.01 -11.53
C CYS A 86 16.73 -2.18 -10.24
N GLY A 87 17.70 -2.40 -9.36
CA GLY A 87 17.59 -1.80 -8.03
C GLY A 87 16.42 -2.40 -7.28
N ALA A 88 16.23 -3.70 -7.40
CA ALA A 88 14.95 -4.31 -7.01
C ALA A 88 14.75 -4.39 -5.50
N GLY A 89 15.81 -4.20 -4.73
CA GLY A 89 15.67 -4.35 -3.27
C GLY A 89 15.14 -5.72 -2.92
N ILE A 90 14.17 -5.76 -2.00
CA ILE A 90 13.59 -7.03 -1.58
C ILE A 90 12.59 -7.59 -2.57
N GLY A 91 12.30 -6.87 -3.65
CA GLY A 91 11.37 -7.35 -4.65
C GLY A 91 9.95 -6.86 -4.53
N ARG A 92 9.74 -5.67 -3.96
CA ARG A 92 8.38 -5.08 -3.88
C ARG A 92 7.71 -5.04 -5.26
N ILE A 93 8.43 -4.58 -6.28
CA ILE A 93 7.84 -4.47 -7.61
C ILE A 93 7.78 -5.84 -8.28
N THR A 94 8.83 -6.66 -8.10
CA THR A 94 8.81 -8.00 -8.64
C THR A 94 7.61 -8.79 -8.13
N LYS A 95 7.30 -8.65 -6.83
CA LYS A 95 6.20 -9.42 -6.26
C LYS A 95 4.83 -8.93 -6.75
N ARG A 96 4.61 -7.62 -6.74
CA ARG A 96 3.27 -7.08 -6.93
C ARG A 96 2.95 -6.74 -8.38
N LEU A 97 3.95 -6.38 -9.17
CA LEU A 97 3.76 -5.96 -10.56
C LEU A 97 4.25 -6.98 -11.56
N LEU A 98 5.50 -7.44 -11.43
CA LEU A 98 6.14 -8.15 -12.54
C LEU A 98 5.85 -9.66 -12.54
N LEU A 99 6.00 -10.34 -11.41
CA LEU A 99 5.78 -11.78 -11.41
C LEU A 99 4.39 -12.16 -11.89
N PRO A 100 3.33 -11.38 -11.61
CA PRO A 100 2.00 -11.75 -12.15
C PRO A 100 1.89 -11.62 -13.65
N LEU A 101 2.75 -10.80 -14.28
CA LEU A 101 2.63 -10.52 -15.72
C LEU A 101 3.66 -11.22 -16.59
N PHE A 102 4.79 -11.63 -16.03
CA PHE A 102 5.88 -12.22 -16.79
C PHE A 102 6.20 -13.61 -16.27
N ARG A 103 6.52 -14.53 -17.20
CA ARG A 103 6.77 -15.91 -16.80
C ARG A 103 7.97 -16.03 -15.88
N GLU A 104 9.04 -15.26 -16.16
CA GLU A 104 10.21 -15.23 -15.29
C GLU A 104 10.62 -13.79 -15.05
N VAL A 105 11.35 -13.56 -13.96
CA VAL A 105 11.86 -12.24 -13.63
C VAL A 105 13.26 -12.40 -13.07
N ASP A 106 14.17 -11.52 -13.50
CA ASP A 106 15.51 -11.38 -12.96
C ASP A 106 15.53 -10.15 -12.07
N MET A 107 16.30 -10.22 -10.99
CA MET A 107 16.48 -9.08 -10.09
C MET A 107 17.96 -8.71 -9.99
N VAL A 108 18.26 -7.41 -9.91
CA VAL A 108 19.64 -6.97 -9.70
C VAL A 108 19.63 -5.87 -8.66
N ASP A 109 20.53 -5.99 -7.67
CA ASP A 109 20.60 -5.01 -6.59
C ASP A 109 21.98 -5.12 -5.95
N ILE A 110 22.47 -3.99 -5.44
CA ILE A 110 23.78 -3.96 -4.83
C ILE A 110 23.80 -4.50 -3.41
N THR A 111 22.64 -4.60 -2.75
CA THR A 111 22.60 -4.92 -1.32
C THR A 111 22.25 -6.40 -1.15
N GLU A 112 23.24 -7.19 -0.73
CA GLU A 112 23.08 -8.63 -0.66
C GLU A 112 21.93 -9.03 0.25
N ASP A 113 21.80 -8.41 1.41
CA ASP A 113 20.80 -8.91 2.32
C ASP A 113 19.37 -8.57 1.87
N PHE A 114 19.20 -7.60 0.95
CA PHE A 114 17.88 -7.43 0.32
C PHE A 114 17.57 -8.62 -0.58
N LEU A 115 18.55 -9.10 -1.35
CA LEU A 115 18.28 -10.24 -2.21
C LEU A 115 18.05 -11.50 -1.38
N VAL A 116 18.72 -11.63 -0.24
CA VAL A 116 18.45 -12.75 0.67
C VAL A 116 17.01 -12.70 1.16
N GLN A 117 16.60 -11.52 1.67
CA GLN A 117 15.25 -11.35 2.18
C GLN A 117 14.22 -11.59 1.08
N ALA A 118 14.54 -11.26 -0.17
CA ALA A 118 13.60 -11.45 -1.26
C ALA A 118 13.09 -12.89 -1.31
N LYS A 119 13.96 -13.86 -1.02
CA LYS A 119 13.53 -15.26 -1.07
CA LYS A 119 13.53 -15.26 -1.07
C LYS A 119 12.35 -15.50 -0.15
N THR A 120 12.32 -14.81 1.00
CA THR A 120 11.20 -14.93 1.91
C THR A 120 10.05 -14.03 1.51
N TYR A 121 10.37 -12.77 1.16
CA TYR A 121 9.34 -11.80 0.83
C TYR A 121 8.50 -12.23 -0.37
N LEU A 122 9.14 -12.84 -1.37
CA LEU A 122 8.45 -13.21 -2.60
C LEU A 122 7.58 -14.45 -2.46
N GLY A 123 7.88 -15.32 -1.49
CA GLY A 123 7.02 -16.47 -1.27
C GLY A 123 7.08 -17.48 -2.40
N GLU A 124 5.95 -18.17 -2.61
CA GLU A 124 5.89 -19.27 -3.56
C GLU A 124 6.16 -18.79 -4.99
N GLU A 125 5.59 -17.64 -5.35
CA GLU A 125 5.81 -17.11 -6.70
C GLU A 125 7.27 -16.75 -6.95
N GLY A 126 8.04 -16.52 -5.88
CA GLY A 126 9.46 -16.26 -6.02
C GLY A 126 10.21 -17.38 -6.69
N LYS A 127 9.63 -18.57 -6.76
CA LYS A 127 10.28 -19.66 -7.49
C LYS A 127 10.47 -19.32 -8.96
N ARG A 128 9.73 -18.34 -9.49
CA ARG A 128 9.90 -17.92 -10.87
C ARG A 128 10.88 -16.76 -11.03
N VAL A 129 11.50 -16.30 -9.95
CA VAL A 129 12.67 -15.42 -10.08
C VAL A 129 13.84 -16.30 -10.50
N ARG A 130 14.45 -15.95 -11.61
CA ARG A 130 15.50 -16.79 -12.22
C ARG A 130 16.86 -16.39 -11.65
N ASN A 131 17.38 -15.23 -12.05
CA ASN A 131 18.68 -14.75 -11.60
C ASN A 131 18.53 -13.68 -10.52
N TYR A 132 19.28 -13.84 -9.43
CA TYR A 132 19.50 -12.79 -8.44
C TYR A 132 20.91 -12.26 -8.64
N PHE A 133 21.05 -11.12 -9.29
CA PHE A 133 22.36 -10.50 -9.53
C PHE A 133 22.68 -9.51 -8.41
N CYS A 134 23.84 -9.67 -7.79
CA CYS A 134 24.25 -8.77 -6.69
C CYS A 134 25.43 -7.95 -7.18
N CYS A 135 25.14 -6.72 -7.62
CA CYS A 135 26.03 -5.93 -8.46
C CYS A 135 25.50 -4.51 -8.49
N GLY A 136 26.40 -3.54 -8.56
CA GLY A 136 25.98 -2.20 -8.89
C GLY A 136 25.59 -2.13 -10.36
N LEU A 137 24.56 -1.31 -10.65
CA LEU A 137 24.12 -1.18 -12.04
C LEU A 137 25.27 -0.72 -12.93
N GLN A 138 26.15 0.13 -12.38
CA GLN A 138 27.27 0.65 -13.16
C GLN A 138 28.26 -0.45 -13.58
N ASP A 139 28.19 -1.62 -12.95
CA ASP A 139 29.03 -2.76 -13.30
C ASP A 139 28.24 -3.93 -13.90
N PHE A 140 26.97 -3.74 -14.21
CA PHE A 140 26.09 -4.82 -14.65
C PHE A 140 25.87 -4.74 -16.16
N THR A 141 26.10 -5.84 -16.84
CA THR A 141 25.85 -5.95 -18.27
C THR A 141 24.83 -7.04 -18.56
N PRO A 142 23.55 -6.71 -18.71
CA PRO A 142 22.54 -7.74 -18.93
C PRO A 142 22.74 -8.45 -20.25
N GLU A 143 22.26 -9.71 -20.30
CA GLU A 143 22.50 -10.55 -21.46
C GLU A 143 21.77 -9.99 -22.67
N PRO A 144 22.41 -9.91 -23.83
CA PRO A 144 21.71 -9.42 -25.04
C PRO A 144 20.47 -10.23 -25.35
N ASP A 145 19.45 -9.53 -25.84
CA ASP A 145 18.23 -10.15 -26.38
C ASP A 145 17.56 -11.09 -25.37
N SER A 146 17.37 -10.59 -24.15
CA SER A 146 16.90 -11.41 -23.04
C SER A 146 15.62 -10.93 -22.38
N TYR A 147 15.31 -9.63 -22.40
CA TYR A 147 14.22 -9.10 -21.59
C TYR A 147 13.17 -8.39 -22.42
N ASP A 148 11.90 -8.67 -22.11
CA ASP A 148 10.80 -7.94 -22.70
C ASP A 148 10.61 -6.58 -22.02
N VAL A 149 10.76 -6.52 -20.69
CA VAL A 149 10.67 -5.28 -19.95
C VAL A 149 11.84 -5.19 -18.99
N ILE A 150 12.49 -4.02 -18.96
CA ILE A 150 13.53 -3.71 -18.00
C ILE A 150 12.98 -2.57 -17.15
N TRP A 151 12.76 -2.84 -15.86
CA TRP A 151 12.11 -1.89 -14.97
C TRP A 151 13.15 -1.27 -14.05
N ILE A 152 13.25 0.06 -14.08
CA ILE A 152 14.28 0.81 -13.36
C ILE A 152 13.54 1.85 -12.52
N GLN A 153 13.39 1.59 -11.22
CA GLN A 153 12.57 2.48 -10.39
C GLN A 153 13.32 2.90 -9.13
N TRP A 154 13.38 4.23 -8.94
CA TRP A 154 13.95 4.84 -7.75
C TRP A 154 15.37 4.36 -7.48
N VAL A 155 16.20 4.34 -8.54
CA VAL A 155 17.61 4.02 -8.39
C VAL A 155 18.49 4.82 -9.36
N ILE A 156 17.89 5.55 -10.32
CA ILE A 156 18.75 6.21 -11.30
C ILE A 156 19.57 7.32 -10.63
N GLY A 157 19.07 7.88 -9.52
CA GLY A 157 19.84 8.88 -8.81
C GLY A 157 21.11 8.36 -8.18
N HIS A 158 21.29 7.05 -8.11
CA HIS A 158 22.51 6.47 -7.57
C HIS A 158 23.60 6.27 -8.59
N LEU A 159 23.36 6.63 -9.85
CA LEU A 159 24.39 6.53 -10.87
C LEU A 159 24.78 7.93 -11.36
N THR A 160 26.05 8.08 -11.74
CA THR A 160 26.48 9.31 -12.38
C THR A 160 25.84 9.42 -13.76
N ASP A 161 25.92 10.62 -14.36
CA ASP A 161 25.38 10.81 -15.70
C ASP A 161 26.02 9.84 -16.69
N GLN A 162 27.36 9.74 -16.67
CA GLN A 162 28.04 8.85 -17.61
C GLN A 162 27.64 7.39 -17.36
N HIS A 163 27.60 6.98 -16.12
CA HIS A 163 27.26 5.58 -15.82
C HIS A 163 25.80 5.27 -16.15
N LEU A 164 24.90 6.23 -15.94
CA LEU A 164 23.50 6.03 -16.27
C LEU A 164 23.32 5.93 -17.78
N ALA A 165 23.94 6.84 -18.55
CA ALA A 165 23.82 6.75 -20.00
C ALA A 165 24.34 5.41 -20.49
N GLU A 166 25.49 4.97 -19.95
CA GLU A 166 26.07 3.71 -20.37
C GLU A 166 25.20 2.53 -19.99
N PHE A 167 24.66 2.54 -18.77
CA PHE A 167 23.78 1.45 -18.35
C PHE A 167 22.55 1.35 -19.27
N LEU A 168 21.94 2.49 -19.61
CA LEU A 168 20.80 2.48 -20.54
C LEU A 168 21.20 1.92 -21.90
N ARG A 169 22.43 2.22 -22.37
CA ARG A 169 22.89 1.62 -23.62
C ARG A 169 22.95 0.09 -23.51
N ARG A 170 23.48 -0.41 -22.39
CA ARG A 170 23.59 -1.87 -22.21
C ARG A 170 22.20 -2.51 -22.06
N CYS A 171 21.28 -1.82 -21.38
CA CYS A 171 19.90 -2.27 -21.31
C CYS A 171 19.28 -2.34 -22.71
N LYS A 172 19.50 -1.31 -23.53
CA LYS A 172 18.96 -1.34 -24.88
C LYS A 172 19.38 -2.60 -25.61
N GLY A 173 20.65 -2.99 -25.48
CA GLY A 173 21.13 -4.20 -26.13
C GLY A 173 20.53 -5.49 -25.58
N SER A 174 19.98 -5.45 -24.37
CA SER A 174 19.42 -6.65 -23.76
C SER A 174 17.92 -6.82 -24.03
N LEU A 175 17.29 -5.86 -24.72
CA LEU A 175 15.88 -5.96 -25.04
C LEU A 175 15.61 -6.97 -26.15
N ARG A 176 14.56 -7.79 -25.93
CA ARG A 176 13.99 -8.61 -26.97
C ARG A 176 13.30 -7.71 -28.01
N PRO A 177 12.96 -8.25 -29.17
CA PRO A 177 12.12 -7.46 -30.11
C PRO A 177 10.87 -6.96 -29.40
N ASN A 178 10.54 -5.70 -29.66
CA ASN A 178 9.42 -4.99 -29.07
C ASN A 178 9.57 -4.74 -27.57
N GLY A 179 10.73 -5.03 -27.00
CA GLY A 179 10.95 -4.78 -25.58
C GLY A 179 10.97 -3.29 -25.26
N ILE A 180 10.77 -2.98 -23.98
CA ILE A 180 10.82 -1.60 -23.51
C ILE A 180 11.63 -1.51 -22.22
N ILE A 181 12.20 -0.33 -21.99
CA ILE A 181 12.76 0.06 -20.71
C ILE A 181 11.80 1.05 -20.06
N VAL A 182 11.51 0.86 -18.78
CA VAL A 182 10.69 1.80 -18.02
C VAL A 182 11.55 2.41 -16.92
N ILE A 183 11.62 3.73 -16.89
CA ILE A 183 12.22 4.47 -15.78
C ILE A 183 11.07 5.12 -15.00
N LYS A 184 11.06 4.92 -13.69
CA LYS A 184 10.11 5.59 -12.82
C LYS A 184 10.91 6.11 -11.62
N ASP A 185 10.92 7.43 -11.44
CA ASP A 185 11.86 7.98 -10.47
C ASP A 185 11.49 9.40 -10.09
N ASN A 186 12.16 9.89 -9.04
CA ASN A 186 12.00 11.26 -8.61
C ASN A 186 12.59 12.21 -9.64
N MET A 187 11.94 13.36 -9.82
CA MET A 187 12.39 14.41 -10.71
C MET A 187 12.43 15.70 -9.92
N ALA A 188 13.52 16.45 -10.05
CA ALA A 188 13.63 17.78 -9.46
C ALA A 188 12.92 18.80 -10.33
N GLN A 189 12.42 19.87 -9.68
CA GLN A 189 11.83 20.96 -10.43
C GLN A 189 12.84 21.57 -11.39
N GLU A 190 14.07 21.78 -10.93
CA GLU A 190 15.10 22.40 -11.75
C GLU A 190 16.48 21.97 -11.25
N GLY A 191 17.35 21.60 -12.17
CA GLY A 191 18.75 21.35 -11.85
C GLY A 191 19.05 19.90 -11.48
N VAL A 192 20.13 19.75 -10.71
CA VAL A 192 20.63 18.46 -10.25
C VAL A 192 20.98 18.65 -8.78
N ILE A 193 20.29 17.96 -7.90
CA ILE A 193 20.35 18.18 -6.46
C ILE A 193 20.95 16.95 -5.77
N LEU A 194 21.97 17.18 -4.94
CA LEU A 194 22.63 16.11 -4.23
C LEU A 194 21.97 15.88 -2.88
N ASP A 195 21.66 14.62 -2.59
CA ASP A 195 21.26 14.17 -1.27
C ASP A 195 22.48 13.47 -0.64
N ASP A 196 23.11 14.14 0.30
CA ASP A 196 24.36 13.62 0.86
C ASP A 196 24.13 12.64 1.99
N VAL A 197 22.88 12.34 2.32
CA VAL A 197 22.59 11.31 3.32
C VAL A 197 22.60 9.93 2.69
N ASP A 198 21.76 9.70 1.68
CA ASP A 198 21.79 8.42 1.00
C ASP A 198 22.75 8.41 -0.19
N SER A 199 23.37 9.56 -0.51
CA SER A 199 24.37 9.66 -1.57
C SER A 199 23.76 9.33 -2.93
N SER A 200 22.87 10.22 -3.36
CA SER A 200 22.18 10.10 -4.63
C SER A 200 21.86 11.51 -5.13
N VAL A 201 21.51 11.61 -6.41
CA VAL A 201 21.11 12.88 -7.00
C VAL A 201 19.67 12.78 -7.50
N CYS A 202 19.04 13.93 -7.61
CA CYS A 202 17.73 14.09 -8.24
C CYS A 202 17.86 15.11 -9.36
N ARG A 203 17.48 14.72 -10.57
CA ARG A 203 17.63 15.52 -11.77
C ARG A 203 16.28 16.01 -12.29
N ASP A 204 16.28 17.18 -12.94
CA ASP A 204 15.04 17.68 -13.54
C ASP A 204 14.76 16.93 -14.84
N LEU A 205 13.54 17.15 -15.36
CA LEU A 205 13.07 16.41 -16.53
C LEU A 205 13.99 16.64 -17.74
N ASP A 206 14.47 17.87 -17.93
CA ASP A 206 15.31 18.14 -19.08
C ASP A 206 16.61 17.35 -19.03
N VAL A 207 17.20 17.26 -17.84
CA VAL A 207 18.44 16.50 -17.70
C VAL A 207 18.18 15.02 -17.99
N VAL A 208 17.12 14.47 -17.41
CA VAL A 208 16.82 13.06 -17.61
C VAL A 208 16.57 12.77 -19.10
N ARG A 209 15.81 13.65 -19.77
CA ARG A 209 15.54 13.45 -21.19
C ARG A 209 16.82 13.52 -22.00
N ARG A 210 17.74 14.42 -21.62
CA ARG A 210 19.04 14.52 -22.28
C ARG A 210 19.81 13.21 -22.18
N ILE A 211 19.83 12.62 -20.97
CA ILE A 211 20.56 11.37 -20.78
C ILE A 211 19.91 10.25 -21.59
N ILE A 212 18.58 10.17 -21.58
CA ILE A 212 17.88 9.14 -22.34
C ILE A 212 18.23 9.23 -23.82
N CYS A 213 18.18 10.44 -24.37
CA CYS A 213 18.55 10.67 -25.78
C CYS A 213 20.00 10.29 -26.06
N SER A 214 20.92 10.66 -25.16
CA SER A 214 22.33 10.32 -25.39
C SER A 214 22.53 8.81 -25.42
N ALA A 215 21.67 8.03 -24.74
CA ALA A 215 21.79 6.59 -24.74
C ALA A 215 21.19 5.94 -25.99
N GLY A 216 20.74 6.73 -26.95
CA GLY A 216 20.15 6.18 -28.16
C GLY A 216 18.74 5.67 -27.97
N LEU A 217 18.02 6.18 -26.97
CA LEU A 217 16.67 5.76 -26.67
C LEU A 217 15.69 6.89 -26.98
N SER A 218 14.43 6.50 -27.17
CA SER A 218 13.36 7.44 -27.47
C SER A 218 12.17 7.17 -26.58
N LEU A 219 11.38 8.22 -26.34
CA LEU A 219 10.22 8.13 -25.45
C LEU A 219 8.99 7.58 -26.20
N LEU A 220 8.42 6.50 -25.67
CA LEU A 220 7.09 6.07 -26.07
C LEU A 220 6.00 6.78 -25.29
N ALA A 221 6.25 7.12 -24.02
CA ALA A 221 5.26 7.74 -23.15
C ALA A 221 5.96 8.29 -21.92
N GLU A 222 5.34 9.28 -21.31
CA GLU A 222 5.84 10.00 -20.14
C GLU A 222 4.62 10.35 -19.31
N GLU A 223 4.65 10.04 -18.02
CA GLU A 223 3.47 10.25 -17.17
C GLU A 223 3.86 10.65 -15.76
N ARG A 224 3.23 11.69 -15.23
CA ARG A 224 3.44 12.07 -13.84
C ARG A 224 2.59 11.21 -12.90
N GLN A 225 3.18 10.79 -11.79
CA GLN A 225 2.50 9.96 -10.80
C GLN A 225 1.56 10.83 -9.96
N GLU A 226 0.30 10.43 -9.89
CA GLU A 226 -0.69 11.17 -9.12
C GLU A 226 -0.85 10.58 -7.71
N ASN A 227 -1.56 11.33 -6.86
CA ASN A 227 -1.98 10.88 -5.53
C ASN A 227 -0.82 10.64 -4.57
N LEU A 228 0.26 11.34 -4.75
CA LEU A 228 1.36 11.26 -3.81
C LEU A 228 1.29 12.37 -2.78
N PRO A 229 1.90 12.18 -1.61
CA PRO A 229 2.00 13.28 -0.64
C PRO A 229 2.63 14.52 -1.27
N ASP A 230 2.16 15.69 -0.84
CA ASP A 230 2.58 16.93 -1.47
C ASP A 230 4.04 17.25 -1.20
N GLU A 231 4.61 16.76 -0.11
CA GLU A 231 5.93 17.22 0.32
C GLU A 231 7.08 16.52 -0.40
N ILE A 232 6.83 15.47 -1.18
CA ILE A 232 7.93 14.70 -1.76
C ILE A 232 8.17 15.15 -3.20
N TYR A 233 9.35 14.80 -3.73
CA TYR A 233 9.67 15.07 -5.12
C TYR A 233 8.58 14.50 -6.01
N HIS A 234 8.29 15.20 -7.10
CA HIS A 234 7.42 14.64 -8.13
C HIS A 234 8.05 13.37 -8.71
N VAL A 235 7.20 12.47 -9.17
CA VAL A 235 7.62 11.18 -9.71
C VAL A 235 7.09 11.06 -11.13
N TYR A 236 7.95 10.64 -12.07
CA TYR A 236 7.54 10.43 -13.45
C TYR A 236 7.91 9.02 -13.92
N SER A 237 7.11 8.52 -14.83
CA SER A 237 7.38 7.27 -15.52
C SER A 237 7.69 7.56 -16.98
N PHE A 238 8.69 6.88 -17.51
CA PHE A 238 9.07 6.96 -18.91
C PHE A 238 9.11 5.55 -19.47
N ALA A 239 8.51 5.34 -20.64
CA ALA A 239 8.65 4.11 -21.39
C ALA A 239 9.54 4.39 -22.59
N LEU A 240 10.55 3.57 -22.78
CA LEU A 240 11.62 3.82 -23.72
C LEU A 240 11.88 2.63 -24.63
N ARG A 241 12.29 2.92 -25.86
CA ARG A 241 12.88 1.89 -26.73
C ARG A 241 13.90 2.52 -27.68
N ARG B 17 -23.76 13.92 -4.29
CA ARG B 17 -24.49 12.62 -4.33
C ARG B 17 -24.81 12.16 -2.91
N GLY B 18 -25.97 11.51 -2.73
CA GLY B 18 -26.45 11.13 -1.42
C GLY B 18 -26.51 9.65 -1.14
N SER B 19 -25.94 8.81 -2.01
CA SER B 19 -25.95 7.37 -1.79
C SER B 19 -24.86 6.75 -2.64
N THR B 20 -24.45 5.53 -2.26
CA THR B 20 -23.44 4.83 -3.03
C THR B 20 -23.93 4.52 -4.43
N SER B 21 -25.23 4.24 -4.58
CA SER B 21 -25.77 3.97 -5.91
C SER B 21 -25.60 5.15 -6.85
N GLU B 22 -25.42 6.36 -6.32
CA GLU B 22 -25.23 7.54 -7.13
C GLU B 22 -23.77 7.82 -7.48
N VAL B 23 -22.82 7.21 -6.78
CA VAL B 23 -21.40 7.45 -7.02
C VAL B 23 -20.66 6.21 -7.49
N ILE B 24 -21.20 5.01 -7.29
CA ILE B 24 -20.55 3.78 -7.74
C ILE B 24 -21.09 3.47 -9.13
N GLU B 25 -20.23 3.54 -10.13
CA GLU B 25 -20.65 3.26 -11.50
C GLU B 25 -20.76 1.76 -11.76
N ASP B 26 -19.87 0.97 -11.18
CA ASP B 26 -19.81 -0.48 -11.42
C ASP B 26 -19.52 -1.15 -10.09
N GLU B 27 -20.51 -1.88 -9.56
CA GLU B 27 -20.36 -2.47 -8.23
C GLU B 27 -19.33 -3.60 -8.23
N LYS B 28 -19.33 -4.44 -9.26
CA LYS B 28 -18.34 -5.51 -9.33
C LYS B 28 -16.92 -4.95 -9.27
N GLN B 29 -16.67 -3.83 -9.96
CA GLN B 29 -15.33 -3.25 -9.96
C GLN B 29 -15.04 -2.53 -8.65
N PHE B 30 -16.05 -1.91 -8.03
CA PHE B 30 -15.89 -1.30 -6.72
C PHE B 30 -15.25 -2.29 -5.74
N TYR B 31 -15.76 -3.51 -5.71
CA TYR B 31 -15.23 -4.53 -4.81
C TYR B 31 -13.90 -5.10 -5.32
N SER B 32 -13.77 -5.37 -6.62
CA SER B 32 -12.54 -5.98 -7.10
C SER B 32 -11.34 -5.03 -6.95
N LYS B 33 -11.54 -3.75 -7.24
CA LYS B 33 -10.45 -2.78 -7.12
C LYS B 33 -10.03 -2.63 -5.66
N ALA B 34 -10.98 -2.71 -4.73
CA ALA B 34 -10.63 -2.58 -3.32
C ALA B 34 -9.80 -3.75 -2.85
N LYS B 35 -10.16 -4.96 -3.29
CA LYS B 35 -9.38 -6.14 -2.93
C LYS B 35 -7.97 -6.06 -3.48
N THR B 36 -7.84 -5.61 -4.74
CA THR B 36 -6.51 -5.41 -5.33
C THR B 36 -5.69 -4.40 -4.54
N TYR B 37 -6.31 -3.29 -4.17
CA TYR B 37 -5.59 -2.23 -3.49
C TYR B 37 -4.95 -2.73 -2.20
N TRP B 38 -5.74 -3.42 -1.35
CA TRP B 38 -5.21 -3.85 -0.06
C TRP B 38 -4.27 -5.03 -0.18
N LYS B 39 -4.44 -5.87 -1.20
CA LYS B 39 -3.48 -6.93 -1.45
C LYS B 39 -2.06 -6.38 -1.61
N GLN B 40 -1.95 -5.14 -2.06
CA GLN B 40 -0.67 -4.53 -2.36
C GLN B 40 -0.14 -3.65 -1.24
N ILE B 41 -0.83 -3.59 -0.10
CA ILE B 41 -0.44 -2.73 1.02
C ILE B 41 0.47 -3.52 1.95
N PRO B 42 1.57 -2.94 2.44
CA PRO B 42 2.47 -3.67 3.36
C PRO B 42 1.74 -3.99 4.66
N PRO B 43 1.97 -5.19 5.22
CA PRO B 43 1.22 -5.63 6.41
C PRO B 43 1.75 -5.02 7.70
N THR B 44 1.58 -3.71 7.83
CA THR B 44 2.16 -2.96 8.93
C THR B 44 1.11 -2.00 9.46
N VAL B 45 1.36 -1.47 10.68
CA VAL B 45 0.42 -0.50 11.25
C VAL B 45 0.31 0.73 10.35
N ASP B 46 1.44 1.22 9.83
CA ASP B 46 1.40 2.39 8.97
C ASP B 46 0.68 2.09 7.66
N GLY B 47 0.76 0.84 7.18
CA GLY B 47 -0.01 0.45 6.02
C GLY B 47 -1.50 0.42 6.30
N MET B 48 -1.88 -0.12 7.47
CA MET B 48 -3.30 -0.14 7.84
C MET B 48 -3.88 1.28 7.85
N LEU B 49 -3.08 2.25 8.28
CA LEU B 49 -3.58 3.60 8.57
C LEU B 49 -3.12 4.64 7.54
N GLY B 50 -2.76 4.19 6.34
CA GLY B 50 -2.50 5.13 5.27
C GLY B 50 -1.44 6.16 5.55
N GLY B 51 -0.39 5.77 6.27
CA GLY B 51 0.67 6.69 6.62
C GLY B 51 0.47 7.44 7.90
N TYR B 52 -0.62 7.20 8.61
CA TYR B 52 -0.89 7.81 9.91
C TYR B 52 -0.72 6.81 11.05
N GLY B 53 0.25 5.92 10.90
CA GLY B 53 0.53 4.98 11.97
C GLY B 53 0.87 5.66 13.28
N HIS B 54 1.41 6.89 13.18
CA HIS B 54 1.83 7.62 14.38
C HIS B 54 0.66 8.08 15.26
N ILE B 55 -0.58 8.00 14.78
CA ILE B 55 -1.72 8.34 15.61
C ILE B 55 -2.50 7.11 16.06
N SER B 56 -1.92 5.92 15.91
CA SER B 56 -2.62 4.71 16.35
C SER B 56 -2.94 4.77 17.83
N SER B 57 -1.97 5.21 18.66
CA SER B 57 -2.19 5.24 20.10
C SER B 57 -3.31 6.20 20.48
N ILE B 58 -3.37 7.37 19.84
CA ILE B 58 -4.44 8.31 20.10
C ILE B 58 -5.79 7.66 19.80
N ASP B 59 -5.86 6.94 18.69
CA ASP B 59 -7.09 6.25 18.31
C ASP B 59 -7.46 5.17 19.32
N ILE B 60 -6.53 4.27 19.62
CA ILE B 60 -6.81 3.13 20.48
C ILE B 60 -7.20 3.59 21.88
N ASN B 61 -6.48 4.58 22.41
CA ASN B 61 -6.79 5.03 23.77
C ASN B 61 -8.19 5.63 23.85
N SER B 62 -8.62 6.34 22.79
CA SER B 62 -9.97 6.89 22.78
C SER B 62 -11.01 5.77 22.64
N SER B 63 -10.76 4.79 21.77
CA SER B 63 -11.68 3.68 21.61
C SER B 63 -11.86 2.92 22.93
N ARG B 64 -10.76 2.70 23.66
CA ARG B 64 -10.85 1.96 24.91
C ARG B 64 -11.74 2.67 25.92
N LYS B 65 -11.57 4.00 26.04
CA LYS B 65 -12.44 4.76 26.94
C LYS B 65 -13.90 4.69 26.51
N PHE B 66 -14.15 4.79 25.20
CA PHE B 66 -15.50 4.64 24.66
C PHE B 66 -16.07 3.28 25.01
N LEU B 67 -15.29 2.23 24.79
CA LEU B 67 -15.78 0.87 25.00
C LEU B 67 -15.94 0.53 26.48
N GLN B 68 -15.02 1.01 27.32
CA GLN B 68 -15.00 0.56 28.71
C GLN B 68 -16.28 0.93 29.45
N ARG B 69 -16.92 2.04 29.08
CA ARG B 69 -18.16 2.44 29.75
C ARG B 69 -19.24 1.36 29.57
N PHE B 70 -19.28 0.71 28.40
CA PHE B 70 -20.25 -0.36 28.19
C PHE B 70 -19.87 -1.65 28.90
N LEU B 71 -18.57 -1.87 29.10
CA LEU B 71 -18.15 -3.11 29.72
C LEU B 71 -18.23 -3.09 31.24
N ARG B 72 -18.28 -1.90 31.86
CA ARG B 72 -18.25 -1.78 33.32
C ARG B 72 -19.50 -1.16 33.93
N GLU B 73 -20.35 -0.51 33.13
CA GLU B 73 -21.52 0.19 33.64
C GLU B 73 -22.79 -0.61 33.36
N GLY B 74 -23.49 -1.00 34.43
CA GLY B 74 -24.77 -1.65 34.29
C GLY B 74 -25.90 -0.66 34.51
N PRO B 75 -27.13 -1.16 34.65
CA PRO B 75 -27.49 -2.59 34.58
C PRO B 75 -27.37 -3.11 33.15
N ASN B 76 -27.40 -4.44 32.99
CA ASN B 76 -27.31 -5.04 31.67
C ASN B 76 -25.96 -4.75 31.03
N LYS B 77 -24.90 -4.86 31.84
CA LYS B 77 -23.53 -4.69 31.39
C LYS B 77 -23.21 -5.59 30.20
N THR B 78 -22.48 -5.05 29.24
CA THR B 78 -21.95 -5.86 28.15
C THR B 78 -20.89 -6.82 28.68
N GLY B 79 -20.87 -8.03 28.15
CA GLY B 79 -19.95 -9.06 28.59
C GLY B 79 -18.59 -8.96 27.90
N THR B 80 -17.68 -9.83 28.33
CA THR B 80 -16.29 -9.79 27.88
C THR B 80 -15.77 -11.17 27.48
N SER B 81 -16.66 -12.05 27.03
CA SER B 81 -16.23 -13.39 26.65
C SER B 81 -15.65 -13.43 25.23
N CYS B 82 -16.24 -12.70 24.29
CA CYS B 82 -15.79 -12.81 22.91
C CYS B 82 -16.11 -11.55 22.12
N ALA B 83 -15.14 -11.13 21.30
CA ALA B 83 -15.31 -9.99 20.41
C ALA B 83 -14.99 -10.40 18.98
N LEU B 84 -15.57 -9.68 18.02
CA LEU B 84 -15.29 -9.86 16.61
C LEU B 84 -14.72 -8.55 16.06
N ASP B 85 -13.57 -8.65 15.39
CA ASP B 85 -12.88 -7.51 14.77
C ASP B 85 -13.09 -7.61 13.27
N CYS B 86 -13.85 -6.66 12.70
CA CYS B 86 -14.25 -6.67 11.30
C CYS B 86 -13.34 -5.77 10.47
N GLY B 87 -12.88 -6.28 9.35
CA GLY B 87 -11.83 -5.58 8.61
C GLY B 87 -10.60 -5.41 9.47
N ALA B 88 -10.21 -6.46 10.19
CA ALA B 88 -9.23 -6.36 11.24
C ALA B 88 -7.80 -6.14 10.73
N GLY B 89 -7.55 -6.37 9.44
CA GLY B 89 -6.20 -6.22 8.95
C GLY B 89 -5.25 -7.13 9.68
N ILE B 90 -4.08 -6.59 10.03
CA ILE B 90 -3.06 -7.37 10.73
C ILE B 90 -3.33 -7.49 12.22
N GLY B 91 -4.38 -6.87 12.72
CA GLY B 91 -4.73 -6.95 14.12
C GLY B 91 -4.31 -5.79 14.98
N ARG B 92 -4.20 -4.58 14.41
CA ARG B 92 -3.82 -3.43 15.21
C ARG B 92 -4.79 -3.23 16.39
N ILE B 93 -6.09 -3.32 16.12
CA ILE B 93 -7.07 -3.15 17.19
C ILE B 93 -7.19 -4.41 18.04
N THR B 94 -7.16 -5.59 17.41
CA THR B 94 -7.18 -6.83 18.17
C THR B 94 -6.05 -6.87 19.20
N LYS B 95 -4.85 -6.41 18.81
CA LYS B 95 -3.72 -6.49 19.73
C LYS B 95 -3.87 -5.58 20.94
N ARG B 96 -4.20 -4.31 20.70
CA ARG B 96 -4.10 -3.32 21.75
C ARG B 96 -5.42 -2.94 22.40
N LEU B 97 -6.55 -3.25 21.77
CA LEU B 97 -7.85 -2.94 22.33
C LEU B 97 -8.60 -4.19 22.78
N LEU B 98 -8.76 -5.19 21.91
CA LEU B 98 -9.68 -6.28 22.16
C LEU B 98 -9.09 -7.42 22.97
N LEU B 99 -7.93 -7.95 22.57
CA LEU B 99 -7.38 -9.10 23.30
C LEU B 99 -7.18 -8.82 24.79
N PRO B 100 -6.77 -7.63 25.22
CA PRO B 100 -6.67 -7.38 26.66
C PRO B 100 -8.00 -7.39 27.38
N LEU B 101 -9.12 -7.18 26.68
CA LEU B 101 -10.42 -7.00 27.32
C LEU B 101 -11.37 -8.17 27.14
N PHE B 102 -11.11 -9.08 26.21
CA PHE B 102 -12.02 -10.18 25.91
C PHE B 102 -11.26 -11.50 25.99
N ARG B 103 -11.93 -12.53 26.50
CA ARG B 103 -11.27 -13.81 26.67
C ARG B 103 -10.85 -14.38 25.34
N GLU B 104 -11.68 -14.22 24.31
CA GLU B 104 -11.37 -14.68 22.97
C GLU B 104 -11.76 -13.62 21.95
N VAL B 105 -11.08 -13.63 20.81
CA VAL B 105 -11.39 -12.70 19.72
C VAL B 105 -11.39 -13.47 18.42
N ASP B 106 -12.35 -13.15 17.54
CA ASP B 106 -12.35 -13.59 16.15
C ASP B 106 -11.99 -12.40 15.26
N MET B 107 -11.31 -12.69 14.15
CA MET B 107 -10.97 -11.67 13.17
C MET B 107 -11.53 -12.04 11.81
N VAL B 108 -12.05 -11.06 11.09
CA VAL B 108 -12.47 -11.27 9.71
C VAL B 108 -11.87 -10.17 8.84
N ASP B 109 -11.26 -10.56 7.72
CA ASP B 109 -10.69 -9.59 6.80
C ASP B 109 -10.63 -10.22 5.41
N ILE B 110 -10.76 -9.37 4.40
CA ILE B 110 -10.75 -9.88 3.02
C ILE B 110 -9.35 -10.25 2.55
N THR B 111 -8.29 -9.73 3.19
CA THR B 111 -6.92 -9.84 2.69
C THR B 111 -6.18 -10.93 3.45
N GLU B 112 -5.97 -12.08 2.79
CA GLU B 112 -5.42 -13.24 3.47
C GLU B 112 -4.06 -12.94 4.09
N ASP B 113 -3.20 -12.22 3.37
CA ASP B 113 -1.84 -12.03 3.90
C ASP B 113 -1.82 -11.16 5.15
N PHE B 114 -2.84 -10.32 5.37
CA PHE B 114 -2.91 -9.60 6.64
C PHE B 114 -3.22 -10.55 7.80
N LEU B 115 -4.11 -11.51 7.58
CA LEU B 115 -4.42 -12.50 8.61
C LEU B 115 -3.21 -13.38 8.90
N VAL B 116 -2.43 -13.70 7.86
CA VAL B 116 -1.19 -14.45 8.07
C VAL B 116 -0.23 -13.64 8.94
N GLN B 117 -0.05 -12.36 8.59
CA GLN B 117 0.86 -11.54 9.38
C GLN B 117 0.36 -11.40 10.81
N ALA B 118 -0.97 -11.40 11.01
CA ALA B 118 -1.53 -11.21 12.34
C ALA B 118 -0.99 -12.26 13.31
N LYS B 119 -0.83 -13.49 12.84
CA LYS B 119 -0.32 -14.54 13.72
C LYS B 119 1.02 -14.14 14.33
N THR B 120 1.87 -13.50 13.54
CA THR B 120 3.15 -13.01 14.05
C THR B 120 2.97 -11.71 14.82
N TYR B 121 2.22 -10.76 14.25
CA TYR B 121 2.09 -9.46 14.88
C TYR B 121 1.50 -9.56 16.29
N LEU B 122 0.54 -10.46 16.48
CA LEU B 122 -0.15 -10.57 17.77
C LEU B 122 0.66 -11.32 18.81
N GLY B 123 1.63 -12.12 18.42
CA GLY B 123 2.49 -12.77 19.39
C GLY B 123 1.76 -13.73 20.30
N GLU B 124 2.25 -13.81 21.55
CA GLU B 124 1.75 -14.81 22.49
C GLU B 124 0.26 -14.62 22.76
N GLU B 125 -0.17 -13.36 22.93
CA GLU B 125 -1.59 -13.12 23.19
C GLU B 125 -2.47 -13.52 22.02
N GLY B 126 -1.92 -13.50 20.79
CA GLY B 126 -2.67 -13.95 19.63
C GLY B 126 -3.12 -15.39 19.70
N LYS B 127 -2.56 -16.18 20.61
CA LYS B 127 -3.03 -17.55 20.78
C LYS B 127 -4.49 -17.60 21.18
N ARG B 128 -5.03 -16.50 21.73
CA ARG B 128 -6.43 -16.42 22.11
C ARG B 128 -7.33 -15.96 20.97
N VAL B 129 -6.77 -15.66 19.80
CA VAL B 129 -7.63 -15.50 18.62
C VAL B 129 -8.21 -16.86 18.28
N ARG B 130 -9.53 -16.95 18.27
CA ARG B 130 -10.21 -18.24 18.07
C ARG B 130 -10.33 -18.57 16.59
N ASN B 131 -10.91 -17.68 15.80
CA ASN B 131 -11.09 -17.87 14.38
C ASN B 131 -10.45 -16.73 13.59
N TYR B 132 -9.77 -17.09 12.49
CA TYR B 132 -9.37 -16.15 11.45
C TYR B 132 -10.25 -16.38 10.23
N PHE B 133 -11.16 -15.45 9.93
CA PHE B 133 -12.05 -15.56 8.79
C PHE B 133 -11.51 -14.71 7.65
N CYS B 134 -11.18 -15.34 6.52
CA CYS B 134 -10.79 -14.60 5.32
C CYS B 134 -12.01 -14.50 4.43
N CYS B 135 -12.64 -13.33 4.40
CA CYS B 135 -13.92 -13.14 3.74
C CYS B 135 -14.21 -11.66 3.65
N GLY B 136 -14.86 -11.24 2.57
CA GLY B 136 -15.41 -9.91 2.52
C GLY B 136 -16.65 -9.83 3.40
N LEU B 137 -16.81 -8.67 4.05
CA LEU B 137 -17.96 -8.52 4.97
C LEU B 137 -19.27 -8.75 4.23
N GLN B 138 -19.35 -8.29 2.98
CA GLN B 138 -20.58 -8.45 2.19
C GLN B 138 -20.93 -9.91 1.97
N ASP B 139 -20.00 -10.82 2.20
CA ASP B 139 -20.24 -12.25 2.07
C ASP B 139 -20.18 -12.99 3.40
N PHE B 140 -20.07 -12.27 4.51
CA PHE B 140 -19.77 -12.87 5.81
C PHE B 140 -21.02 -12.89 6.69
N THR B 141 -21.26 -14.02 7.34
CA THR B 141 -22.35 -14.18 8.29
C THR B 141 -21.79 -14.54 9.66
N PRO B 142 -21.70 -13.62 10.60
CA PRO B 142 -21.24 -13.98 11.95
C PRO B 142 -22.20 -14.95 12.62
N GLU B 143 -21.65 -15.89 13.37
CA GLU B 143 -22.45 -16.94 13.99
C GLU B 143 -23.45 -16.34 14.97
N PRO B 144 -24.68 -16.85 15.03
CA PRO B 144 -25.65 -16.30 15.99
C PRO B 144 -25.20 -16.47 17.43
N ASP B 145 -25.55 -15.48 18.25
CA ASP B 145 -25.35 -15.52 19.69
C ASP B 145 -23.91 -15.85 20.06
N SER B 146 -22.98 -15.06 19.49
CA SER B 146 -21.57 -15.40 19.65
C SER B 146 -20.70 -14.31 20.23
N TYR B 147 -21.08 -13.04 20.04
CA TYR B 147 -20.16 -11.94 20.34
C TYR B 147 -20.78 -10.93 21.31
N ASP B 148 -20.00 -10.56 22.33
CA ASP B 148 -20.37 -9.46 23.19
C ASP B 148 -20.14 -8.12 22.54
N VAL B 149 -19.08 -8.01 21.73
CA VAL B 149 -18.78 -6.78 21.02
C VAL B 149 -18.36 -7.12 19.60
N ILE B 150 -18.94 -6.41 18.63
CA ILE B 150 -18.54 -6.48 17.23
C ILE B 150 -17.98 -5.12 16.85
N TRP B 151 -16.69 -5.08 16.51
CA TRP B 151 -15.96 -3.84 16.24
C TRP B 151 -15.72 -3.69 14.75
N ILE B 152 -16.17 -2.58 14.18
CA ILE B 152 -16.13 -2.33 12.74
C ILE B 152 -15.48 -0.96 12.55
N GLN B 153 -14.20 -0.94 12.22
CA GLN B 153 -13.46 0.32 12.17
C GLN B 153 -12.79 0.48 10.81
N TRP B 154 -13.07 1.62 10.18
CA TRP B 154 -12.41 2.08 8.94
C TRP B 154 -12.53 1.03 7.83
N VAL B 155 -13.74 0.50 7.67
CA VAL B 155 -14.01 -0.47 6.61
C VAL B 155 -15.43 -0.32 6.06
N ILE B 156 -16.30 0.42 6.74
CA ILE B 156 -17.68 0.50 6.25
C ILE B 156 -17.72 1.15 4.88
N GLY B 157 -16.73 1.99 4.57
CA GLY B 157 -16.64 2.61 3.25
C GLY B 157 -16.38 1.65 2.12
N HIS B 158 -16.09 0.39 2.40
CA HIS B 158 -15.86 -0.60 1.37
C HIS B 158 -17.10 -1.43 1.02
N LEU B 159 -18.22 -1.19 1.70
CA LEU B 159 -19.48 -1.82 1.36
C LEU B 159 -20.45 -0.81 0.75
N THR B 160 -21.30 -1.29 -0.16
CA THR B 160 -22.41 -0.48 -0.63
C THR B 160 -23.40 -0.21 0.51
N ASP B 161 -24.22 0.83 0.32
CA ASP B 161 -25.27 1.13 1.29
C ASP B 161 -26.09 -0.11 1.62
N GLN B 162 -26.53 -0.84 0.60
CA GLN B 162 -27.38 -2.00 0.83
C GLN B 162 -26.61 -3.12 1.54
N HIS B 163 -25.39 -3.41 1.07
CA HIS B 163 -24.61 -4.46 1.71
C HIS B 163 -24.23 -4.10 3.14
N LEU B 164 -24.05 -2.81 3.42
CA LEU B 164 -23.73 -2.40 4.79
C LEU B 164 -24.93 -2.62 5.70
N ALA B 165 -26.12 -2.21 5.25
CA ALA B 165 -27.33 -2.42 6.04
C ALA B 165 -27.56 -3.89 6.29
N GLU B 166 -27.40 -4.72 5.27
CA GLU B 166 -27.60 -6.16 5.42
C GLU B 166 -26.55 -6.77 6.34
N PHE B 167 -25.29 -6.34 6.22
CA PHE B 167 -24.27 -6.88 7.11
C PHE B 167 -24.57 -6.52 8.57
N LEU B 168 -24.97 -5.28 8.82
CA LEU B 168 -25.26 -4.86 10.19
C LEU B 168 -26.44 -5.65 10.76
N ARG B 169 -27.42 -6.00 9.92
CA ARG B 169 -28.52 -6.84 10.38
C ARG B 169 -28.03 -8.22 10.79
N ARG B 170 -27.12 -8.80 10.01
CA ARG B 170 -26.53 -10.07 10.39
C ARG B 170 -25.73 -9.93 11.69
N CYS B 171 -25.00 -8.83 11.85
CA CYS B 171 -24.26 -8.60 13.09
C CYS B 171 -25.20 -8.56 14.30
N LYS B 172 -26.33 -7.86 14.17
CA LYS B 172 -27.30 -7.79 15.26
C LYS B 172 -27.66 -9.18 15.75
N GLY B 173 -27.85 -10.13 14.84
CA GLY B 173 -28.22 -11.48 15.21
C GLY B 173 -27.11 -12.29 15.82
N SER B 174 -25.86 -11.84 15.71
CA SER B 174 -24.73 -12.56 16.29
C SER B 174 -24.37 -12.05 17.68
N LEU B 175 -25.05 -11.01 18.16
CA LEU B 175 -24.75 -10.45 19.46
C LEU B 175 -25.28 -11.35 20.58
N ARG B 176 -24.47 -11.53 21.61
CA ARG B 176 -24.91 -12.12 22.86
C ARG B 176 -25.83 -11.13 23.57
N PRO B 177 -26.56 -11.58 24.59
CA PRO B 177 -27.35 -10.63 25.39
C PRO B 177 -26.49 -9.49 25.92
N ASN B 178 -27.02 -8.28 25.81
CA ASN B 178 -26.37 -7.03 26.19
C ASN B 178 -25.21 -6.66 25.26
N GLY B 179 -24.97 -7.43 24.20
CA GLY B 179 -23.90 -7.10 23.27
C GLY B 179 -24.14 -5.82 22.51
N ILE B 180 -23.05 -5.27 21.95
CA ILE B 180 -23.12 -4.05 21.18
C ILE B 180 -22.27 -4.18 19.92
N ILE B 181 -22.62 -3.41 18.91
CA ILE B 181 -21.82 -3.20 17.71
C ILE B 181 -21.23 -1.79 17.82
N VAL B 182 -19.93 -1.67 17.52
CA VAL B 182 -19.29 -0.36 17.47
C VAL B 182 -18.82 -0.12 16.03
N ILE B 183 -19.26 0.98 15.46
CA ILE B 183 -18.73 1.50 14.19
C ILE B 183 -17.84 2.69 14.51
N LYS B 184 -16.61 2.67 14.01
CA LYS B 184 -15.72 3.83 14.09
C LYS B 184 -15.17 4.08 12.69
N ASP B 185 -15.40 5.27 12.15
CA ASP B 185 -15.03 5.47 10.75
C ASP B 185 -15.04 6.94 10.39
N ASN B 186 -14.56 7.22 9.17
CA ASN B 186 -14.51 8.57 8.66
C ASN B 186 -15.92 9.02 8.26
N MET B 187 -16.22 10.28 8.49
CA MET B 187 -17.50 10.88 8.15
C MET B 187 -17.26 12.05 7.21
N ALA B 188 -18.01 12.09 6.11
CA ALA B 188 -17.93 13.23 5.19
C ALA B 188 -18.75 14.38 5.72
N GLN B 189 -18.37 15.60 5.34
CA GLN B 189 -19.12 16.79 5.74
C GLN B 189 -20.52 16.76 5.16
N GLU B 190 -20.65 16.35 3.89
CA GLU B 190 -21.96 16.23 3.28
C GLU B 190 -21.91 15.23 2.13
N GLY B 191 -22.97 14.46 1.99
CA GLY B 191 -23.11 13.55 0.87
C GLY B 191 -22.30 12.28 1.04
N VAL B 192 -22.01 11.66 -0.11
CA VAL B 192 -21.26 10.41 -0.21
C VAL B 192 -20.18 10.61 -1.26
N ILE B 193 -18.92 10.45 -0.86
CA ILE B 193 -17.77 10.79 -1.68
C ILE B 193 -17.00 9.51 -1.97
N LEU B 194 -16.73 9.26 -3.26
CA LEU B 194 -15.96 8.09 -3.66
C LEU B 194 -14.47 8.43 -3.69
N ASP B 195 -13.66 7.58 -3.08
CA ASP B 195 -12.20 7.65 -3.16
C ASP B 195 -11.77 6.65 -4.24
N ASP B 196 -11.40 7.18 -5.41
CA ASP B 196 -11.00 6.32 -6.53
C ASP B 196 -9.63 5.70 -6.33
N VAL B 197 -8.88 6.11 -5.31
CA VAL B 197 -7.55 5.56 -5.07
C VAL B 197 -7.65 4.18 -4.45
N ASP B 198 -8.38 4.05 -3.33
CA ASP B 198 -8.53 2.77 -2.67
C ASP B 198 -9.90 2.12 -2.93
N SER B 199 -10.78 2.78 -3.66
CA SER B 199 -12.08 2.22 -4.02
C SER B 199 -12.95 2.06 -2.78
N SER B 200 -13.21 3.18 -2.12
CA SER B 200 -14.06 3.25 -0.94
C SER B 200 -14.86 4.53 -1.00
N VAL B 201 -15.94 4.58 -0.21
CA VAL B 201 -16.73 5.80 -0.08
C VAL B 201 -16.64 6.31 1.35
N CYS B 202 -16.91 7.60 1.49
CA CYS B 202 -17.08 8.25 2.79
C CYS B 202 -18.47 8.91 2.81
N ARG B 203 -19.21 8.67 3.90
CA ARG B 203 -20.58 9.13 4.00
C ARG B 203 -20.74 10.16 5.13
N ASP B 204 -21.72 11.06 4.98
CA ASP B 204 -21.98 12.01 6.05
C ASP B 204 -22.83 11.35 7.15
N LEU B 205 -22.95 12.07 8.26
CA LEU B 205 -23.58 11.49 9.45
C LEU B 205 -25.01 11.05 9.18
N ASP B 206 -25.79 11.89 8.48
CA ASP B 206 -27.18 11.55 8.24
C ASP B 206 -27.32 10.25 7.44
N VAL B 207 -26.44 10.05 6.45
CA VAL B 207 -26.50 8.82 5.66
C VAL B 207 -26.22 7.61 6.56
N VAL B 208 -25.20 7.71 7.40
CA VAL B 208 -24.82 6.57 8.25
C VAL B 208 -25.94 6.26 9.24
N ARG B 209 -26.46 7.28 9.91
CA ARG B 209 -27.57 7.05 10.85
C ARG B 209 -28.77 6.41 10.16
N ARG B 210 -29.04 6.81 8.90
CA ARG B 210 -30.15 6.20 8.17
CA ARG B 210 -30.15 6.20 8.17
C ARG B 210 -29.90 4.73 7.90
N ILE B 211 -28.67 4.36 7.53
CA ILE B 211 -28.35 2.96 7.31
C ILE B 211 -28.47 2.17 8.61
N ILE B 212 -27.95 2.73 9.70
CA ILE B 212 -28.06 2.07 11.00
C ILE B 212 -29.52 1.80 11.33
N CYS B 213 -30.39 2.78 11.11
CA CYS B 213 -31.81 2.61 11.37
C CYS B 213 -32.40 1.52 10.49
N SER B 214 -32.04 1.52 9.19
CA SER B 214 -32.60 0.50 8.30
C SER B 214 -32.19 -0.90 8.70
N ALA B 215 -31.06 -1.05 9.38
CA ALA B 215 -30.62 -2.36 9.85
C ALA B 215 -31.33 -2.80 11.14
N GLY B 216 -32.23 -1.99 11.68
CA GLY B 216 -32.93 -2.37 12.89
C GLY B 216 -32.15 -2.13 14.16
N LEU B 217 -31.15 -1.25 14.13
CA LEU B 217 -30.28 -1.00 15.27
C LEU B 217 -30.63 0.34 15.91
N SER B 218 -30.45 0.41 17.22
CA SER B 218 -30.63 1.63 17.97
C SER B 218 -29.27 2.24 18.30
N LEU B 219 -29.22 3.56 18.33
CA LEU B 219 -28.00 4.30 18.61
C LEU B 219 -27.90 4.55 20.11
N LEU B 220 -26.93 3.92 20.76
CA LEU B 220 -26.71 4.05 22.19
C LEU B 220 -25.80 5.23 22.53
N ALA B 221 -24.80 5.50 21.71
CA ALA B 221 -23.87 6.58 21.99
C ALA B 221 -23.15 6.94 20.70
N GLU B 222 -22.72 8.18 20.62
CA GLU B 222 -22.05 8.73 19.44
C GLU B 222 -21.01 9.72 19.95
N GLU B 223 -19.80 9.63 19.41
CA GLU B 223 -18.71 10.48 19.88
C GLU B 223 -17.74 10.77 18.75
N ARG B 224 -17.37 12.04 18.60
CA ARG B 224 -16.36 12.44 17.64
C ARG B 224 -14.96 12.28 18.23
N GLN B 225 -14.05 11.75 17.42
CA GLN B 225 -12.67 11.58 17.85
C GLN B 225 -11.95 12.93 17.88
N GLU B 226 -11.30 13.21 19.00
CA GLU B 226 -10.54 14.43 19.18
C GLU B 226 -9.06 14.21 18.86
N ASN B 227 -8.32 15.31 18.79
CA ASN B 227 -6.86 15.29 18.72
C ASN B 227 -6.35 14.64 17.44
N LEU B 228 -7.13 14.72 16.37
CA LEU B 228 -6.65 14.24 15.08
C LEU B 228 -6.09 15.40 14.26
N PRO B 229 -5.21 15.11 13.31
CA PRO B 229 -4.73 16.17 12.41
C PRO B 229 -5.90 16.85 11.72
N ASP B 230 -5.75 18.16 11.49
CA ASP B 230 -6.84 18.95 10.92
C ASP B 230 -7.16 18.56 9.49
N GLU B 231 -6.22 17.96 8.76
CA GLU B 231 -6.40 17.76 7.33
C GLU B 231 -7.25 16.55 6.99
N ILE B 232 -7.50 15.65 7.93
CA ILE B 232 -8.16 14.38 7.62
C ILE B 232 -9.65 14.46 7.95
N TYR B 233 -10.41 13.55 7.34
CA TYR B 233 -11.83 13.44 7.62
C TYR B 233 -12.06 13.33 9.12
N HIS B 234 -13.18 13.89 9.57
CA HIS B 234 -13.62 13.66 10.94
C HIS B 234 -13.95 12.19 11.16
N VAL B 235 -13.73 11.74 12.39
CA VAL B 235 -13.91 10.33 12.75
C VAL B 235 -14.91 10.26 13.90
N TYR B 236 -15.91 9.40 13.76
CA TYR B 236 -16.94 9.21 14.77
C TYR B 236 -17.03 7.75 15.16
N SER B 237 -17.37 7.51 16.44
CA SER B 237 -17.67 6.19 16.97
C SER B 237 -19.15 6.12 17.31
N PHE B 238 -19.80 5.02 16.93
CA PHE B 238 -21.20 4.77 17.22
C PHE B 238 -21.30 3.43 17.94
N ALA B 239 -22.01 3.42 19.07
CA ALA B 239 -22.32 2.18 19.79
C ALA B 239 -23.78 1.82 19.52
N LEU B 240 -24.03 0.59 19.12
CA LEU B 240 -25.33 0.17 18.62
C LEU B 240 -25.75 -1.18 19.19
N ARG B 241 -27.07 -1.40 19.26
CA ARG B 241 -27.57 -2.76 19.45
C ARG B 241 -29.01 -2.89 18.95
N PRO C 2 10.33 7.59 -2.51
CA PRO C 2 9.63 8.70 -2.30
C PRO C 2 10.40 9.54 -1.22
N LYS C 3 10.67 10.99 -1.42
CA LYS C 3 11.33 11.65 -0.34
C LYS C 3 11.22 13.19 -0.49
N ARG C 4 11.44 13.97 0.70
CA ARG C 4 11.41 15.41 0.68
C ARG C 4 12.76 15.83 -0.03
N PRO D 2 -7.25 6.95 8.61
CA PRO D 2 -7.17 8.28 8.71
C PRO D 2 -6.76 8.77 7.27
N LYS D 3 -7.50 9.86 6.56
CA LYS D 3 -7.02 10.25 5.27
C LYS D 3 -7.63 11.65 4.90
N ARG D 4 -6.92 12.46 3.94
CA ARG D 4 -7.47 13.74 3.55
C ARG D 4 -8.68 13.41 2.59
#